data_3CUH
#
_entry.id   3CUH
#
_cell.length_a   86.217
_cell.length_b   86.217
_cell.length_c   79.413
_cell.angle_alpha   90.00
_cell.angle_beta   90.00
_cell.angle_gamma   90.00
#
_symmetry.space_group_name_H-M   'P 41 21 2'
#
loop_
_entity.id
_entity.type
_entity.pdbx_description
1 polymer Exo-beta-1,4-glucanase
2 non-polymer '(3R,4R,5R)-3-hydroxy-5-(hydroxymethyl)piperidin-4-yl 4-O-beta-D-glucopyranosyl-beta-D-glucopyranoside'
3 water water
#
_entity_poly.entity_id   1
_entity_poly.type   'polypeptide(L)'
_entity_poly.pdbx_seq_one_letter_code
;ATTLKEAADGAGRDFGFALDPNRLSEAQYKAIADSEFNLVVAENAMKWDATEPSQNSFSFGAGDRVASYAADTGKELYGH
TLVWHSQLPDWAKNLNGSAFESAMVNHVTKVADHFEGKVASWDVVNEAFADGGGRRQDSAFQQKLGNGYIETAFRAARAA
DPTAKLCINDYNVEGINAKSNSLYDLVKDFKARGVPLDCVGFQSHLIVGQVPGDFRQNLQRFADLGVDVRITELDIRMRT
PSDATKLATQAADYKKVVQACMQVTRCQGVTVWGITDKYSWVPDVFPGEGAALVWDASYAKKPAYAAVMEAFGAS
;
_entity_poly.pdbx_strand_id   A
#
loop_
_chem_comp.id
_chem_comp.type
_chem_comp.name
_chem_comp.formula
G2I non-polymer '(3R,4R,5R)-3-hydroxy-5-(hydroxymethyl)piperidin-4-yl 4-O-beta-D-glucopyranosyl-beta-D-glucopyranoside' 'C18 H33 N O13'
#
# COMPACT_ATOMS: atom_id res chain seq x y z
N ALA A 1 -7.44 22.48 -11.33
CA ALA A 1 -8.10 21.14 -11.23
C ALA A 1 -9.46 21.23 -10.54
N THR A 2 -10.37 20.35 -10.92
CA THR A 2 -11.64 20.22 -10.25
C THR A 2 -11.70 18.84 -9.61
N THR A 3 -10.84 17.92 -10.08
CA THR A 3 -10.79 16.58 -9.51
C THR A 3 -9.44 16.29 -8.86
N LEU A 4 -9.41 15.24 -8.05
CA LEU A 4 -8.18 14.82 -7.40
C LEU A 4 -7.23 14.26 -8.47
N LYS A 5 -7.79 13.54 -9.44
CA LYS A 5 -6.95 12.99 -10.54
C LYS A 5 -6.26 14.16 -11.28
N GLU A 6 -7.04 15.17 -11.62
CA GLU A 6 -6.50 16.36 -12.26
C GLU A 6 -5.41 17.03 -11.43
N ALA A 7 -5.58 17.09 -10.11
CA ALA A 7 -4.56 17.74 -9.26
C ALA A 7 -3.25 16.98 -9.28
N ALA A 8 -3.35 15.66 -9.13
CA ALA A 8 -2.21 14.74 -9.13
C ALA A 8 -1.53 14.67 -10.51
N ASP A 9 -2.32 14.49 -11.57
CA ASP A 9 -1.81 14.51 -12.94
C ASP A 9 -1.04 15.80 -13.19
N GLY A 10 -1.65 16.93 -12.83
CA GLY A 10 -1.03 18.25 -13.01
C GLY A 10 0.29 18.41 -12.26
N ALA A 11 0.39 17.76 -11.11
CA ALA A 11 1.58 17.78 -10.26
C ALA A 11 2.65 16.78 -10.70
N GLY A 12 2.30 15.88 -11.61
CA GLY A 12 3.23 14.83 -12.00
C GLY A 12 3.40 13.79 -10.91
N ARG A 13 2.33 13.46 -10.17
CA ARG A 13 2.40 12.45 -9.11
C ARG A 13 1.27 11.44 -9.23
N ASP A 14 1.36 10.33 -8.50
CA ASP A 14 0.30 9.33 -8.48
C ASP A 14 -0.71 9.59 -7.36
N PHE A 15 -1.98 9.41 -7.68
CA PHE A 15 -3.01 9.40 -6.66
C PHE A 15 -3.85 8.18 -6.89
N GLY A 16 -3.71 7.20 -5.99
CA GLY A 16 -4.27 5.87 -6.19
C GLY A 16 -5.35 5.51 -5.20
N PHE A 17 -6.04 4.40 -5.47
CA PHE A 17 -7.03 3.85 -4.54
C PHE A 17 -6.97 2.33 -4.51
N ALA A 18 -7.37 1.76 -3.36
CA ALA A 18 -7.52 0.30 -3.23
C ALA A 18 -8.88 -0.15 -3.76
N LEU A 19 -8.84 -1.02 -4.76
CA LEU A 19 -10.03 -1.47 -5.49
C LEU A 19 -10.49 -2.82 -4.99
N ASP A 20 -11.80 -2.93 -4.76
CA ASP A 20 -12.47 -4.22 -4.69
C ASP A 20 -13.22 -4.40 -6.01
N PRO A 21 -12.80 -5.37 -6.85
CA PRO A 21 -13.38 -5.44 -8.19
C PRO A 21 -14.88 -5.76 -8.17
N ASN A 22 -15.36 -6.39 -7.11
CA ASN A 22 -16.80 -6.63 -7.00
C ASN A 22 -17.64 -5.36 -6.92
N ARG A 23 -17.05 -4.30 -6.39
CA ARG A 23 -17.75 -3.02 -6.29
C ARG A 23 -17.85 -2.28 -7.62
N LEU A 24 -17.12 -2.75 -8.64
CA LEU A 24 -17.21 -2.11 -9.97
C LEU A 24 -18.63 -2.14 -10.54
N SER A 25 -19.43 -3.09 -10.09
CA SER A 25 -20.83 -3.21 -10.54
C SER A 25 -21.74 -2.16 -9.88
N GLU A 26 -21.21 -1.39 -8.94
CA GLU A 26 -21.94 -0.30 -8.31
C GLU A 26 -21.50 0.95 -9.06
N ALA A 27 -22.41 1.56 -9.79
CA ALA A 27 -22.03 2.55 -10.79
C ALA A 27 -21.43 3.80 -10.18
N GLN A 28 -21.93 4.19 -9.02
CA GLN A 28 -21.40 5.38 -8.32
C GLN A 28 -19.94 5.12 -7.88
N TYR A 29 -19.69 3.92 -7.40
CA TYR A 29 -18.32 3.53 -7.06
C TYR A 29 -17.42 3.60 -8.30
N LYS A 30 -17.84 2.96 -9.39
CA LYS A 30 -17.07 2.99 -10.65
C LYS A 30 -16.83 4.40 -11.18
N ALA A 31 -17.86 5.27 -11.11
CA ALA A 31 -17.73 6.64 -11.60
C ALA A 31 -16.60 7.39 -10.90
N ILE A 32 -16.52 7.22 -9.58
CA ILE A 32 -15.47 7.87 -8.79
C ILE A 32 -14.11 7.24 -9.05
N ALA A 33 -14.05 5.91 -9.03
CA ALA A 33 -12.83 5.18 -9.40
C ALA A 33 -12.27 5.68 -10.74
N ASP A 34 -13.13 5.77 -11.75
CA ASP A 34 -12.71 6.12 -13.12
C ASP A 34 -12.14 7.52 -13.17
N SER A 35 -12.74 8.43 -12.42
CA SER A 35 -12.49 9.87 -12.58
C SER A 35 -11.55 10.47 -11.56
N GLU A 36 -11.33 9.80 -10.44
CA GLU A 36 -10.64 10.48 -9.34
C GLU A 36 -9.21 10.01 -9.05
N PHE A 37 -8.78 8.96 -9.75
CA PHE A 37 -7.49 8.32 -9.48
C PHE A 37 -6.71 8.05 -10.76
N ASN A 38 -5.38 8.06 -10.66
CA ASN A 38 -4.55 7.66 -11.79
C ASN A 38 -3.71 6.39 -11.50
N LEU A 39 -4.03 5.72 -10.40
CA LEU A 39 -3.34 4.48 -10.02
C LEU A 39 -4.34 3.61 -9.29
N VAL A 40 -4.17 2.29 -9.37
CA VAL A 40 -5.01 1.37 -8.64
C VAL A 40 -4.18 0.23 -8.01
N VAL A 41 -4.60 -0.18 -6.83
CA VAL A 41 -4.05 -1.35 -6.16
C VAL A 41 -5.22 -2.25 -5.80
N ALA A 42 -4.97 -3.56 -5.79
CA ALA A 42 -5.98 -4.53 -5.33
C ALA A 42 -5.97 -4.55 -3.80
N GLU A 43 -7.13 -4.25 -3.22
CA GLU A 43 -7.25 -4.22 -1.77
C GLU A 43 -6.98 -5.60 -1.20
N ASN A 44 -7.51 -6.62 -1.88
CA ASN A 44 -7.44 -8.02 -1.43
C ASN A 44 -7.15 -9.03 -2.53
N ALA A 45 -7.41 -8.69 -3.81
CA ALA A 45 -7.48 -9.69 -4.91
C ALA A 45 -6.13 -10.31 -5.30
N MET A 46 -5.05 -9.69 -4.90
CA MET A 46 -3.74 -10.23 -5.25
C MET A 46 -2.94 -10.78 -4.07
N LYS A 47 -3.60 -10.92 -2.92
CA LYS A 47 -3.00 -11.53 -1.74
C LYS A 47 -2.88 -13.03 -1.89
N TRP A 48 -2.11 -13.67 -1.02
CA TRP A 48 -1.86 -15.11 -1.17
C TRP A 48 -3.14 -15.94 -1.10
N ASP A 49 -3.98 -15.72 -0.08
CA ASP A 49 -5.25 -16.45 -0.02
C ASP A 49 -6.11 -16.29 -1.27
N ALA A 50 -6.04 -15.13 -1.90
CA ALA A 50 -6.85 -14.81 -3.06
C ALA A 50 -6.25 -15.37 -4.34
N THR A 51 -4.97 -15.72 -4.31
CA THR A 51 -4.30 -16.16 -5.54
C THR A 51 -3.86 -17.63 -5.58
N GLU A 52 -3.54 -18.20 -4.42
CA GLU A 52 -3.06 -19.60 -4.37
C GLU A 52 -3.74 -20.33 -3.20
N PRO A 53 -5.03 -20.65 -3.36
CA PRO A 53 -5.83 -21.24 -2.29
C PRO A 53 -5.41 -22.65 -1.86
N SER A 54 -4.81 -23.41 -2.77
CA SER A 54 -4.16 -24.67 -2.40
C SER A 54 -2.81 -24.70 -3.09
N GLN A 55 -1.93 -25.60 -2.67
CA GLN A 55 -0.53 -25.52 -3.09
C GLN A 55 -0.36 -25.66 -4.61
N ASN A 56 0.30 -24.67 -5.21
CA ASN A 56 0.51 -24.61 -6.66
C ASN A 56 -0.76 -24.70 -7.52
N SER A 57 -1.87 -24.22 -6.96
CA SER A 57 -3.09 -24.10 -7.70
C SER A 57 -3.52 -22.65 -7.57
N PHE A 58 -3.55 -21.95 -8.69
CA PHE A 58 -3.73 -20.48 -8.68
C PHE A 58 -5.09 -20.03 -9.17
N SER A 59 -5.61 -18.96 -8.54
CA SER A 59 -6.92 -18.42 -8.91
C SER A 59 -6.74 -16.95 -9.24
N PHE A 60 -6.51 -16.64 -10.51
CA PHE A 60 -6.17 -15.26 -10.89
C PHE A 60 -7.34 -14.40 -11.37
N GLY A 61 -8.55 -14.91 -11.32
CA GLY A 61 -9.68 -14.18 -11.94
C GLY A 61 -9.87 -12.80 -11.29
N ALA A 62 -9.89 -12.76 -9.97
CA ALA A 62 -10.10 -11.47 -9.29
C ALA A 62 -8.95 -10.46 -9.52
N GLY A 63 -7.71 -10.93 -9.39
CA GLY A 63 -6.56 -10.06 -9.66
C GLY A 63 -6.52 -9.61 -11.12
N ASP A 64 -6.86 -10.52 -12.04
CA ASP A 64 -6.95 -10.16 -13.46
C ASP A 64 -8.01 -9.09 -13.69
N ARG A 65 -9.12 -9.19 -12.98
CA ARG A 65 -10.16 -8.15 -13.09
C ARG A 65 -9.63 -6.73 -12.72
N VAL A 66 -8.87 -6.66 -11.63
CA VAL A 66 -8.19 -5.43 -11.19
C VAL A 66 -7.18 -4.97 -12.27
N ALA A 67 -6.33 -5.87 -12.73
CA ALA A 67 -5.37 -5.57 -13.79
C ALA A 67 -6.06 -5.03 -15.05
N SER A 68 -7.12 -5.71 -15.48
CA SER A 68 -7.86 -5.30 -16.69
C SER A 68 -8.50 -3.93 -16.48
N TYR A 69 -9.07 -3.71 -15.29
CA TYR A 69 -9.57 -2.38 -14.92
C TYR A 69 -8.51 -1.29 -15.12
N ALA A 70 -7.33 -1.50 -14.56
CA ALA A 70 -6.19 -0.57 -14.75
C ALA A 70 -5.88 -0.32 -16.22
N ALA A 71 -5.78 -1.39 -17.01
CA ALA A 71 -5.42 -1.26 -18.42
C ALA A 71 -6.52 -0.52 -19.17
N ASP A 72 -7.77 -0.88 -18.91
CA ASP A 72 -8.90 -0.25 -19.59
C ASP A 72 -9.03 1.26 -19.29
N THR A 73 -8.71 1.66 -18.07
CA THR A 73 -8.83 3.06 -17.68
C THR A 73 -7.52 3.87 -17.76
N GLY A 74 -6.42 3.22 -18.14
CA GLY A 74 -5.15 3.92 -18.27
C GLY A 74 -4.57 4.34 -16.93
N LYS A 75 -4.76 3.51 -15.91
CA LYS A 75 -4.19 3.80 -14.58
C LYS A 75 -2.99 2.91 -14.34
N GLU A 76 -1.97 3.45 -13.68
CA GLU A 76 -0.87 2.64 -13.18
C GLU A 76 -1.40 1.56 -12.21
N LEU A 77 -0.80 0.37 -12.30
CA LEU A 77 -1.19 -0.77 -11.46
C LEU A 77 -0.09 -1.05 -10.43
N TYR A 78 -0.47 -1.08 -9.17
CA TYR A 78 0.47 -1.34 -8.09
C TYR A 78 0.09 -2.71 -7.52
N GLY A 79 1.08 -3.56 -7.23
CA GLY A 79 0.78 -4.93 -6.79
C GLY A 79 0.89 -5.13 -5.29
N HIS A 80 -0.15 -5.72 -4.69
CA HIS A 80 -0.17 -5.93 -3.23
C HIS A 80 -0.80 -7.31 -2.99
N THR A 81 -0.10 -8.28 -2.41
CA THR A 81 1.29 -8.22 -1.90
C THR A 81 1.75 -9.68 -1.92
N LEU A 82 3.02 -9.91 -2.23
CA LEU A 82 3.52 -11.28 -2.47
C LEU A 82 3.74 -12.05 -1.20
N VAL A 83 4.38 -11.41 -0.21
CA VAL A 83 4.69 -12.09 1.05
C VAL A 83 4.19 -11.27 2.23
N TRP A 84 3.25 -11.85 2.98
CA TRP A 84 2.64 -11.19 4.13
C TRP A 84 2.17 -12.27 5.11
N HIS A 85 2.48 -12.08 6.39
CA HIS A 85 2.16 -13.07 7.41
C HIS A 85 0.65 -13.26 7.61
N SER A 86 -0.11 -12.21 7.32
CA SER A 86 -1.54 -12.23 7.61
C SER A 86 -2.34 -12.99 6.55
N GLN A 87 -3.34 -13.74 7.02
CA GLN A 87 -4.29 -14.46 6.16
C GLN A 87 -3.59 -15.44 5.20
N LEU A 88 -2.49 -16.04 5.66
CA LEU A 88 -1.77 -17.03 4.88
C LEU A 88 -2.57 -18.34 4.92
N PRO A 89 -2.78 -19.01 3.77
CA PRO A 89 -3.61 -20.23 3.85
C PRO A 89 -3.02 -21.29 4.77
N ASP A 90 -3.88 -22.06 5.43
CA ASP A 90 -3.45 -23.16 6.28
C ASP A 90 -2.48 -24.12 5.61
N TRP A 91 -2.67 -24.43 4.32
CA TRP A 91 -1.76 -25.35 3.65
C TRP A 91 -0.32 -24.87 3.73
N ALA A 92 -0.13 -23.55 3.66
CA ALA A 92 1.20 -22.93 3.72
C ALA A 92 1.73 -22.97 5.15
N LYS A 93 0.89 -22.59 6.12
CA LYS A 93 1.25 -22.68 7.53
C LYS A 93 1.69 -24.09 7.95
N ASN A 94 1.16 -25.11 7.30
CA ASN A 94 1.48 -26.50 7.63
C ASN A 94 2.79 -27.00 7.09
N LEU A 95 3.44 -26.18 6.27
CA LEU A 95 4.75 -26.52 5.70
C LEU A 95 5.85 -25.92 6.56
N ASN A 96 7.03 -26.53 6.48
CA ASN A 96 8.17 -26.08 7.26
C ASN A 96 9.45 -26.26 6.45
N GLY A 97 10.52 -25.61 6.91
CA GLY A 97 11.85 -25.80 6.37
C GLY A 97 11.93 -25.46 4.90
N SER A 98 12.63 -26.30 4.14
CA SER A 98 12.76 -26.06 2.70
C SER A 98 11.44 -26.18 1.93
N ALA A 99 10.51 -27.01 2.41
CA ALA A 99 9.21 -27.14 1.76
C ALA A 99 8.47 -25.79 1.85
N PHE A 100 8.59 -25.11 3.00
CA PHE A 100 7.94 -23.81 3.17
C PHE A 100 8.66 -22.74 2.36
N GLU A 101 9.99 -22.75 2.43
CA GLU A 101 10.75 -21.82 1.60
C GLU A 101 10.38 -21.98 0.13
N SER A 102 10.26 -23.23 -0.32
CA SER A 102 9.91 -23.47 -1.73
C SER A 102 8.52 -22.97 -2.09
N ALA A 103 7.56 -23.16 -1.19
CA ALA A 103 6.20 -22.66 -1.41
C ALA A 103 6.22 -21.12 -1.54
N MET A 104 6.99 -20.45 -0.67
CA MET A 104 7.12 -18.98 -0.74
C MET A 104 7.68 -18.53 -2.08
N VAL A 105 8.79 -19.17 -2.49
CA VAL A 105 9.47 -18.83 -3.71
C VAL A 105 8.57 -19.09 -4.92
N ASN A 106 7.86 -20.23 -4.90
CA ASN A 106 6.95 -20.59 -6.00
C ASN A 106 5.82 -19.59 -6.06
N HIS A 107 5.33 -19.15 -4.90
CA HIS A 107 4.23 -18.17 -4.89
C HIS A 107 4.68 -16.82 -5.49
N VAL A 108 5.82 -16.33 -5.02
CA VAL A 108 6.41 -15.10 -5.58
C VAL A 108 6.59 -15.22 -7.09
N THR A 109 7.20 -16.34 -7.50
CA THR A 109 7.52 -16.56 -8.91
C THR A 109 6.27 -16.61 -9.77
N LYS A 110 5.30 -17.43 -9.40
CA LYS A 110 4.09 -17.59 -10.20
C LYS A 110 3.25 -16.32 -10.28
N VAL A 111 3.09 -15.65 -9.15
CA VAL A 111 2.26 -14.44 -9.13
C VAL A 111 2.96 -13.30 -9.89
N ALA A 112 4.27 -13.14 -9.68
CA ALA A 112 4.99 -12.07 -10.36
C ALA A 112 5.02 -12.36 -11.87
N ASP A 113 5.24 -13.62 -12.26
CA ASP A 113 5.25 -13.99 -13.68
C ASP A 113 3.88 -13.72 -14.31
N HIS A 114 2.84 -14.08 -13.57
CA HIS A 114 1.48 -13.96 -14.11
C HIS A 114 1.13 -12.51 -14.48
N PHE A 115 1.52 -11.58 -13.61
CA PHE A 115 1.17 -10.15 -13.77
C PHE A 115 2.29 -9.34 -14.43
N GLU A 116 3.31 -10.05 -14.91
CA GLU A 116 4.48 -9.38 -15.50
C GLU A 116 4.09 -8.49 -16.67
N GLY A 117 4.62 -7.28 -16.67
CA GLY A 117 4.32 -6.27 -17.71
C GLY A 117 2.97 -5.59 -17.50
N LYS A 118 2.26 -5.97 -16.44
CA LYS A 118 1.01 -5.27 -16.08
C LYS A 118 1.19 -4.57 -14.76
N VAL A 119 1.60 -5.31 -13.74
CA VAL A 119 1.93 -4.69 -12.45
C VAL A 119 3.28 -3.95 -12.57
N ALA A 120 3.27 -2.64 -12.29
CA ALA A 120 4.47 -1.82 -12.41
C ALA A 120 5.38 -1.84 -11.19
N SER A 121 4.79 -2.10 -10.00
CA SER A 121 5.50 -2.16 -8.72
C SER A 121 4.84 -3.22 -7.85
N TRP A 122 5.64 -3.90 -7.04
CA TRP A 122 5.11 -4.87 -6.08
C TRP A 122 5.48 -4.52 -4.67
N ASP A 123 4.53 -4.67 -3.75
CA ASP A 123 4.85 -4.90 -2.34
C ASP A 123 5.33 -6.35 -2.25
N VAL A 124 6.64 -6.57 -2.39
CA VAL A 124 7.20 -7.92 -2.34
C VAL A 124 7.05 -8.50 -0.94
N VAL A 125 7.44 -7.71 0.06
CA VAL A 125 7.27 -8.08 1.46
C VAL A 125 6.50 -6.98 2.18
N ASN A 126 5.48 -7.39 2.93
CA ASN A 126 4.61 -6.49 3.69
C ASN A 126 4.74 -6.76 5.21
N GLU A 127 4.93 -5.70 6.01
CA GLU A 127 4.80 -5.79 7.50
C GLU A 127 5.77 -6.77 8.16
N ALA A 128 7.05 -6.66 7.78
CA ALA A 128 8.16 -7.50 8.27
C ALA A 128 8.66 -7.10 9.66
N PHE A 129 8.32 -5.89 10.07
CA PHE A 129 8.89 -5.32 11.29
C PHE A 129 7.92 -5.23 12.45
N ALA A 130 8.46 -4.96 13.64
CA ALA A 130 7.70 -4.92 14.87
C ALA A 130 7.66 -3.50 15.37
N ASP A 131 6.51 -3.06 15.87
CA ASP A 131 6.45 -1.82 16.66
C ASP A 131 7.47 -2.00 17.77
N GLY A 132 8.28 -0.98 17.98
CA GLY A 132 9.32 -1.00 19.01
C GLY A 132 10.64 -1.51 18.47
N GLY A 133 10.69 -1.88 17.19
CA GLY A 133 11.93 -2.27 16.55
C GLY A 133 12.13 -3.76 16.37
N GLY A 134 13.00 -4.13 15.44
CA GLY A 134 13.28 -5.54 15.12
C GLY A 134 12.21 -6.20 14.26
N ARG A 135 12.30 -7.52 14.12
CA ARG A 135 11.39 -8.26 13.25
C ARG A 135 10.07 -8.56 13.93
N ARG A 136 9.02 -8.59 13.12
CA ARG A 136 7.70 -9.07 13.54
C ARG A 136 7.77 -10.45 14.21
N GLN A 137 6.96 -10.59 15.26
CA GLN A 137 7.03 -11.73 16.15
C GLN A 137 5.89 -12.73 16.00
N ASP A 138 4.95 -12.45 15.10
CA ASP A 138 3.87 -13.39 14.82
C ASP A 138 3.80 -13.75 13.33
N SER A 139 4.96 -13.80 12.67
CA SER A 139 5.00 -14.12 11.23
C SER A 139 5.48 -15.53 10.94
N ALA A 140 4.72 -16.27 10.15
CA ALA A 140 5.13 -17.61 9.71
C ALA A 140 6.46 -17.56 8.96
N PHE A 141 6.67 -16.50 8.18
CA PHE A 141 7.90 -16.37 7.42
C PHE A 141 9.11 -16.20 8.32
N GLN A 142 9.01 -15.28 9.28
CA GLN A 142 10.09 -15.05 10.23
C GLN A 142 10.36 -16.33 11.04
N GLN A 143 9.29 -16.99 11.51
CA GLN A 143 9.44 -18.15 12.41
C GLN A 143 10.00 -19.38 11.72
N LYS A 144 9.64 -19.58 10.45
CA LYS A 144 10.03 -20.78 9.70
C LYS A 144 11.34 -20.59 8.95
N LEU A 145 11.61 -19.35 8.55
CA LEU A 145 12.77 -19.06 7.68
C LEU A 145 13.82 -18.14 8.26
N GLY A 146 13.44 -17.34 9.26
CA GLY A 146 14.40 -16.43 9.89
C GLY A 146 14.69 -15.20 9.04
N ASN A 147 15.74 -14.47 9.42
CA ASN A 147 16.02 -13.15 8.83
C ASN A 147 16.10 -13.12 7.30
N GLY A 148 16.59 -14.21 6.71
CA GLY A 148 16.93 -14.18 5.28
C GLY A 148 15.74 -14.21 4.31
N TYR A 149 14.51 -14.43 4.81
CA TYR A 149 13.37 -14.62 3.89
C TYR A 149 13.08 -13.38 3.06
N ILE A 150 13.34 -12.20 3.61
CA ILE A 150 13.07 -10.97 2.87
C ILE A 150 13.98 -10.92 1.63
N GLU A 151 15.27 -11.13 1.84
CA GLU A 151 16.19 -11.12 0.69
C GLU A 151 15.81 -12.21 -0.32
N THR A 152 15.53 -13.42 0.15
CA THR A 152 15.03 -14.47 -0.75
C THR A 152 13.85 -14.00 -1.63
N ALA A 153 12.86 -13.39 -0.99
CA ALA A 153 11.63 -12.97 -1.67
C ALA A 153 11.98 -11.90 -2.72
N PHE A 154 12.83 -10.93 -2.37
CA PHE A 154 13.17 -9.86 -3.32
C PHE A 154 13.94 -10.40 -4.50
N ARG A 155 14.90 -11.28 -4.23
CA ARG A 155 15.65 -11.85 -5.34
C ARG A 155 14.76 -12.70 -6.24
N ALA A 156 13.85 -13.48 -5.66
CA ALA A 156 12.94 -14.30 -6.47
C ALA A 156 12.01 -13.42 -7.32
N ALA A 157 11.59 -12.29 -6.76
CA ALA A 157 10.68 -11.40 -7.49
C ALA A 157 11.42 -10.78 -8.69
N ARG A 158 12.67 -10.37 -8.48
CA ARG A 158 13.47 -9.80 -9.59
C ARG A 158 13.76 -10.85 -10.67
N ALA A 159 13.96 -12.09 -10.22
CA ALA A 159 14.26 -13.20 -11.12
C ALA A 159 13.08 -13.39 -12.04
N ALA A 160 11.88 -13.19 -11.48
CA ALA A 160 10.66 -13.42 -12.21
C ALA A 160 10.34 -12.19 -13.05
N ASP A 161 10.54 -11.00 -12.49
CA ASP A 161 10.18 -9.75 -13.17
C ASP A 161 11.38 -8.80 -13.16
N PRO A 162 12.15 -8.80 -14.27
CA PRO A 162 13.36 -8.00 -14.36
C PRO A 162 13.19 -6.51 -14.18
N THR A 163 12.02 -5.95 -14.48
CA THR A 163 11.89 -4.47 -14.46
C THR A 163 10.97 -3.88 -13.39
N ALA A 164 10.06 -4.69 -12.84
CA ALA A 164 9.06 -4.15 -11.91
C ALA A 164 9.79 -3.47 -10.75
N LYS A 165 9.22 -2.40 -10.23
CA LYS A 165 9.76 -1.77 -9.04
C LYS A 165 9.41 -2.65 -7.84
N LEU A 166 10.42 -3.04 -7.06
CA LEU A 166 10.20 -3.96 -5.94
C LEU A 166 10.25 -3.24 -4.60
N CYS A 167 9.09 -3.18 -3.93
CA CYS A 167 8.95 -2.38 -2.69
C CYS A 167 8.81 -3.24 -1.46
N ILE A 168 9.23 -2.68 -0.32
CA ILE A 168 8.88 -3.23 0.97
C ILE A 168 7.92 -2.24 1.61
N ASN A 169 6.92 -2.73 2.33
CA ASN A 169 5.78 -1.90 2.80
C ASN A 169 5.57 -2.17 4.29
N ASP A 170 5.18 -1.14 5.04
CA ASP A 170 4.91 -1.31 6.48
C ASP A 170 4.07 -0.16 7.04
N TYR A 171 3.53 -0.37 8.23
CA TYR A 171 2.78 0.68 8.94
C TYR A 171 3.53 1.05 10.21
N ASN A 172 3.12 2.17 10.80
CA ASN A 172 3.76 2.71 12.03
C ASN A 172 5.23 2.98 11.77
N VAL A 173 5.56 3.29 10.52
CA VAL A 173 6.92 3.64 10.11
C VAL A 173 6.95 5.02 9.48
N GLU A 174 5.87 5.77 9.71
CA GLU A 174 5.74 7.13 9.13
C GLU A 174 6.65 8.14 9.84
N GLY A 175 6.70 8.07 11.17
CA GLY A 175 7.69 8.84 11.94
C GLY A 175 9.02 8.10 12.08
N ILE A 176 10.00 8.79 12.66
CA ILE A 176 11.31 8.21 12.94
C ILE A 176 11.22 7.56 14.31
N ASN A 177 11.26 6.24 14.31
CA ASN A 177 11.09 5.46 15.53
C ASN A 177 11.85 4.14 15.40
N ALA A 178 11.83 3.28 16.41
CA ALA A 178 12.60 2.03 16.35
C ALA A 178 12.22 1.17 15.14
N LYS A 179 10.91 1.11 14.86
CA LYS A 179 10.38 0.33 13.74
C LYS A 179 10.88 0.87 12.38
N SER A 180 10.71 2.18 12.14
CA SER A 180 11.24 2.70 10.87
C SER A 180 12.79 2.66 10.81
N ASN A 181 13.46 2.73 11.96
CA ASN A 181 14.93 2.57 11.95
C ASN A 181 15.36 1.18 11.53
N SER A 182 14.66 0.15 12.04
CA SER A 182 14.91 -1.23 11.64
C SER A 182 14.70 -1.39 10.12
N LEU A 183 13.57 -0.86 9.65
CA LEU A 183 13.27 -0.81 8.22
C LEU A 183 14.36 -0.05 7.42
N TYR A 184 14.73 1.16 7.88
CA TYR A 184 15.81 1.95 7.26
C TYR A 184 17.13 1.17 7.15
N ASP A 185 17.48 0.44 8.22
CA ASP A 185 18.72 -0.37 8.27
C ASP A 185 18.70 -1.45 7.19
N LEU A 186 17.55 -2.11 7.03
CA LEU A 186 17.44 -3.14 6.00
C LEU A 186 17.56 -2.55 4.60
N VAL A 187 16.86 -1.44 4.35
CA VAL A 187 16.93 -0.78 3.03
C VAL A 187 18.38 -0.40 2.68
N LYS A 188 19.08 0.18 3.65
CA LYS A 188 20.44 0.62 3.42
C LYS A 188 21.35 -0.58 3.18
N ASP A 189 21.16 -1.64 3.96
CA ASP A 189 21.88 -2.92 3.76
C ASP A 189 21.63 -3.51 2.36
N PHE A 190 20.36 -3.62 1.97
CA PHE A 190 19.99 -4.17 0.67
C PHE A 190 20.64 -3.38 -0.47
N LYS A 191 20.55 -2.05 -0.42
CA LYS A 191 21.15 -1.20 -1.46
C LYS A 191 22.69 -1.34 -1.47
N ALA A 192 23.31 -1.43 -0.29
CA ALA A 192 24.77 -1.60 -0.22
C ALA A 192 25.25 -2.90 -0.84
N ARG A 193 24.47 -3.97 -0.70
CA ARG A 193 24.85 -5.28 -1.27
C ARG A 193 24.25 -5.60 -2.65
N GLY A 194 23.46 -4.68 -3.20
CA GLY A 194 22.84 -4.91 -4.50
C GLY A 194 21.69 -5.90 -4.50
N VAL A 195 21.05 -6.08 -3.36
CA VAL A 195 19.82 -6.86 -3.34
C VAL A 195 18.75 -6.01 -4.08
N PRO A 196 17.98 -6.65 -4.98
CA PRO A 196 16.97 -5.89 -5.70
C PRO A 196 15.98 -5.27 -4.72
N LEU A 197 15.78 -3.97 -4.85
CA LEU A 197 14.86 -3.23 -3.97
C LEU A 197 14.85 -1.81 -4.51
N ASP A 198 13.66 -1.32 -4.86
CA ASP A 198 13.52 -0.03 -5.54
C ASP A 198 12.67 0.98 -4.80
N CYS A 199 11.89 0.55 -3.81
CA CYS A 199 10.90 1.44 -3.25
C CYS A 199 10.50 1.02 -1.84
N VAL A 200 9.99 1.98 -1.08
CA VAL A 200 9.51 1.74 0.28
C VAL A 200 8.10 2.34 0.43
N GLY A 201 7.19 1.53 0.96
CA GLY A 201 5.80 1.94 1.14
C GLY A 201 5.50 2.30 2.60
N PHE A 202 4.87 3.43 2.80
CA PHE A 202 4.47 3.91 4.12
C PHE A 202 2.93 3.89 4.16
N GLN A 203 2.39 2.87 4.82
CA GLN A 203 0.96 2.60 4.78
C GLN A 203 0.14 3.81 5.23
N SER A 204 0.54 4.46 6.32
CA SER A 204 -0.12 5.67 6.78
C SER A 204 -1.58 5.41 7.11
N HIS A 205 -1.84 4.36 7.90
CA HIS A 205 -3.09 4.19 8.63
C HIS A 205 -3.01 5.00 9.93
N LEU A 206 -3.50 6.23 9.87
CA LEU A 206 -3.24 7.22 10.89
C LEU A 206 -4.55 7.51 11.62
N ILE A 207 -4.44 8.15 12.77
CA ILE A 207 -5.57 8.57 13.58
C ILE A 207 -5.72 10.08 13.48
N VAL A 208 -6.96 10.56 13.39
CA VAL A 208 -7.22 12.00 13.25
C VAL A 208 -6.53 12.78 14.36
N GLY A 209 -5.85 13.85 13.96
CA GLY A 209 -5.10 14.70 14.88
C GLY A 209 -3.70 14.21 15.20
N GLN A 210 -3.27 13.10 14.59
CA GLN A 210 -1.99 12.53 14.97
C GLN A 210 -1.07 12.21 13.78
N VAL A 211 -0.88 13.15 12.86
CA VAL A 211 0.04 12.92 11.73
C VAL A 211 1.45 13.19 12.26
N PRO A 212 2.40 12.23 12.12
CA PRO A 212 3.78 12.45 12.58
C PRO A 212 4.38 13.73 11.98
N GLY A 213 4.93 14.58 12.85
CA GLY A 213 5.51 15.85 12.40
C GLY A 213 6.79 15.67 11.61
N ASP A 214 7.46 14.54 11.83
CA ASP A 214 8.70 14.22 11.14
C ASP A 214 8.49 13.34 9.91
N PHE A 215 7.27 13.30 9.38
CA PHE A 215 6.94 12.42 8.24
C PHE A 215 7.84 12.76 7.01
N ARG A 216 7.90 14.04 6.64
CA ARG A 216 8.74 14.48 5.51
C ARG A 216 10.21 14.13 5.70
N GLN A 217 10.74 14.41 6.89
CA GLN A 217 12.15 14.10 7.16
C GLN A 217 12.40 12.61 7.04
N ASN A 218 11.48 11.79 7.54
CA ASN A 218 11.58 10.33 7.41
C ASN A 218 11.53 9.87 5.94
N LEU A 219 10.56 10.36 5.18
CA LEU A 219 10.46 10.05 3.74
C LEU A 219 11.76 10.42 3.04
N GLN A 220 12.29 11.58 3.38
CA GLN A 220 13.52 12.06 2.73
C GLN A 220 14.75 11.17 2.99
N ARG A 221 14.94 10.73 4.24
CA ARG A 221 16.12 9.91 4.57
C ARG A 221 16.06 8.58 3.82
N PHE A 222 14.84 8.04 3.68
CA PHE A 222 14.66 6.84 2.87
C PHE A 222 14.98 7.10 1.40
N ALA A 223 14.38 8.15 0.82
CA ALA A 223 14.67 8.51 -0.58
C ALA A 223 16.17 8.65 -0.79
N ASP A 224 16.84 9.20 0.22
CA ASP A 224 18.28 9.50 0.09
C ASP A 224 19.14 8.23 0.12
N LEU A 225 18.56 7.11 0.57
CA LEU A 225 19.24 5.80 0.42
C LEU A 225 19.28 5.31 -1.02
N GLY A 226 18.58 6.01 -1.91
CA GLY A 226 18.57 5.69 -3.34
C GLY A 226 17.38 4.81 -3.71
N VAL A 227 16.23 5.08 -3.10
CA VAL A 227 14.99 4.35 -3.44
C VAL A 227 13.82 5.33 -3.56
N ASP A 228 12.75 4.92 -4.23
CA ASP A 228 11.54 5.71 -4.28
C ASP A 228 10.73 5.46 -3.01
N VAL A 229 9.84 6.40 -2.69
CA VAL A 229 8.95 6.22 -1.55
C VAL A 229 7.50 6.46 -1.95
N ARG A 230 6.55 5.95 -1.18
CA ARG A 230 5.13 6.08 -1.53
C ARG A 230 4.31 5.97 -0.27
N ILE A 231 3.28 6.79 -0.19
CA ILE A 231 2.25 6.62 0.83
C ILE A 231 1.22 5.62 0.22
N THR A 232 1.11 4.44 0.83
CA THR A 232 0.46 3.30 0.13
C THR A 232 -0.96 2.96 0.54
N GLU A 233 -1.36 3.33 1.76
CA GLU A 233 -2.65 2.83 2.27
C GLU A 233 -3.29 3.90 3.13
N LEU A 234 -3.20 5.14 2.69
CA LEU A 234 -3.65 6.26 3.54
C LEU A 234 -5.13 6.18 3.91
N ASP A 235 -5.40 6.23 5.23
CA ASP A 235 -6.72 6.61 5.74
C ASP A 235 -6.50 7.26 7.14
N ILE A 236 -7.47 8.04 7.59
CA ILE A 236 -7.25 8.81 8.82
C ILE A 236 -8.50 8.72 9.66
N ARG A 237 -8.46 7.80 10.61
CA ARG A 237 -9.67 7.36 11.29
C ARG A 237 -9.98 8.24 12.50
N MET A 238 -11.29 8.34 12.77
CA MET A 238 -11.79 9.14 13.89
C MET A 238 -12.83 8.32 14.66
N ARG A 239 -13.13 8.77 15.87
CA ARG A 239 -14.29 8.28 16.61
C ARG A 239 -15.58 8.66 15.90
N THR A 240 -16.43 7.69 15.62
CA THR A 240 -17.69 7.95 14.91
C THR A 240 -18.80 8.38 15.89
N PRO A 241 -19.82 9.11 15.41
CA PRO A 241 -20.01 9.65 14.07
C PRO A 241 -19.08 10.85 13.88
N SER A 242 -18.83 11.22 12.63
CA SER A 242 -18.06 12.44 12.35
C SER A 242 -18.83 13.69 12.83
N ASP A 243 -18.12 14.80 13.04
CA ASP A 243 -18.74 16.11 13.24
C ASP A 243 -17.85 17.14 12.52
N ALA A 244 -18.29 18.39 12.50
CA ALA A 244 -17.55 19.46 11.80
C ALA A 244 -16.11 19.56 12.26
N THR A 245 -15.89 19.52 13.58
CA THR A 245 -14.52 19.65 14.13
C THR A 245 -13.61 18.51 13.64
N LYS A 246 -14.07 17.25 13.81
CA LYS A 246 -13.29 16.07 13.38
C LYS A 246 -13.03 16.07 11.86
N LEU A 247 -14.05 16.45 11.08
CA LEU A 247 -13.88 16.55 9.61
C LEU A 247 -12.83 17.60 9.20
N ALA A 248 -12.84 18.75 9.87
CA ALA A 248 -11.83 19.77 9.60
C ALA A 248 -10.41 19.29 9.94
N THR A 249 -10.26 18.64 11.09
CA THR A 249 -8.92 18.14 11.54
C THR A 249 -8.48 17.05 10.56
N GLN A 250 -9.42 16.16 10.21
CA GLN A 250 -9.13 15.12 9.19
C GLN A 250 -8.64 15.71 7.87
N ALA A 251 -9.31 16.77 7.40
CA ALA A 251 -8.91 17.44 6.16
C ALA A 251 -7.47 17.98 6.28
N ALA A 252 -7.20 18.66 7.41
CA ALA A 252 -5.87 19.22 7.67
C ALA A 252 -4.82 18.10 7.67
N ASP A 253 -5.21 16.95 8.21
CA ASP A 253 -4.34 15.77 8.31
C ASP A 253 -4.03 15.21 6.94
N TYR A 254 -5.05 15.10 6.08
CA TYR A 254 -4.83 14.68 4.70
C TYR A 254 -3.90 15.62 3.99
N LYS A 255 -4.07 16.93 4.22
CA LYS A 255 -3.19 17.91 3.61
C LYS A 255 -1.73 17.71 4.04
N LYS A 256 -1.50 17.51 5.35
CA LYS A 256 -0.14 17.28 5.88
C LYS A 256 0.56 16.08 5.23
N VAL A 257 -0.18 14.99 5.06
CA VAL A 257 0.39 13.77 4.49
C VAL A 257 0.74 13.99 3.02
N VAL A 258 -0.21 14.52 2.25
CA VAL A 258 0.04 14.75 0.83
C VAL A 258 1.18 15.78 0.64
N GLN A 259 1.20 16.81 1.48
CA GLN A 259 2.28 17.79 1.44
C GLN A 259 3.64 17.17 1.74
N ALA A 260 3.69 16.26 2.72
CA ALA A 260 4.95 15.60 3.07
C ALA A 260 5.52 14.86 1.84
N CYS A 261 4.62 14.17 1.13
CA CYS A 261 4.99 13.53 -0.13
C CYS A 261 5.44 14.53 -1.21
N MET A 262 4.62 15.55 -1.44
CA MET A 262 4.98 16.60 -2.40
C MET A 262 6.37 17.18 -2.12
N GLN A 263 6.74 17.23 -0.85
CA GLN A 263 8.01 17.85 -0.45
C GLN A 263 9.25 16.95 -0.62
N VAL A 264 9.03 15.72 -1.08
CA VAL A 264 10.11 14.75 -1.28
C VAL A 264 10.06 14.38 -2.75
N THR A 265 11.14 14.67 -3.46
CA THR A 265 11.13 14.53 -4.94
C THR A 265 10.89 13.07 -5.37
N ARG A 266 11.36 12.12 -4.58
CA ARG A 266 11.19 10.72 -4.97
C ARG A 266 9.96 10.07 -4.36
N CYS A 267 9.07 10.89 -3.78
CA CYS A 267 7.77 10.35 -3.35
C CYS A 267 6.87 10.24 -4.57
N GLN A 268 6.56 9.02 -4.97
CA GLN A 268 5.84 8.79 -6.21
C GLN A 268 4.41 9.31 -6.14
N GLY A 269 3.86 9.32 -4.93
CA GLY A 269 2.49 9.78 -4.69
C GLY A 269 1.85 9.14 -3.48
N VAL A 270 0.51 9.20 -3.45
CA VAL A 270 -0.31 8.78 -2.33
C VAL A 270 -1.45 7.89 -2.86
N THR A 271 -1.63 6.74 -2.21
CA THR A 271 -2.74 5.80 -2.48
C THR A 271 -3.60 5.77 -1.20
N VAL A 272 -4.90 6.02 -1.35
CA VAL A 272 -5.83 5.95 -0.23
C VAL A 272 -6.43 4.55 -0.21
N TRP A 273 -6.65 4.01 0.99
CA TRP A 273 -7.05 2.61 1.15
C TRP A 273 -8.56 2.47 1.05
N GLY A 274 -9.10 2.80 -0.12
CA GLY A 274 -10.52 2.68 -0.42
C GLY A 274 -11.06 4.01 -0.92
N ILE A 275 -12.34 4.00 -1.31
CA ILE A 275 -13.00 5.18 -1.83
C ILE A 275 -13.95 5.73 -0.75
N THR A 276 -14.88 4.89 -0.33
CA THR A 276 -15.96 5.32 0.57
C THR A 276 -15.90 4.69 1.95
N ASP A 277 -16.25 5.49 2.97
CA ASP A 277 -16.41 5.02 4.34
C ASP A 277 -17.32 3.79 4.46
N LYS A 278 -18.29 3.67 3.55
CA LYS A 278 -19.24 2.53 3.45
C LYS A 278 -18.49 1.20 3.48
N TYR A 279 -17.33 1.14 2.82
CA TYR A 279 -16.58 -0.11 2.62
C TYR A 279 -15.25 -0.22 3.35
N SER A 280 -14.85 0.83 4.05
CA SER A 280 -13.56 0.85 4.81
C SER A 280 -13.38 -0.30 5.80
N TRP A 281 -12.16 -0.84 5.84
CA TRP A 281 -11.76 -1.88 6.79
C TRP A 281 -11.82 -1.45 8.28
N VAL A 282 -11.80 -0.13 8.52
CA VAL A 282 -11.56 0.40 9.87
C VAL A 282 -12.57 -0.07 10.94
N PRO A 283 -13.90 0.17 10.73
CA PRO A 283 -14.88 -0.15 11.79
C PRO A 283 -14.85 -1.60 12.31
N ASP A 284 -14.49 -2.55 11.46
CA ASP A 284 -14.50 -3.95 11.88
C ASP A 284 -13.31 -4.30 12.77
N VAL A 285 -12.20 -3.63 12.56
CA VAL A 285 -11.01 -3.82 13.34
C VAL A 285 -11.03 -2.96 14.61
N PHE A 286 -11.50 -1.71 14.47
CA PHE A 286 -11.53 -0.74 15.57
C PHE A 286 -12.95 -0.29 15.88
N PRO A 287 -13.63 -0.99 16.83
CA PRO A 287 -15.01 -0.61 17.16
C PRO A 287 -15.15 0.84 17.61
N GLY A 288 -16.13 1.55 17.07
CA GLY A 288 -16.34 2.96 17.41
C GLY A 288 -15.46 3.93 16.63
N GLU A 289 -14.61 3.39 15.76
CA GLU A 289 -13.79 4.21 14.86
C GLU A 289 -14.17 4.01 13.40
N GLY A 290 -13.78 4.97 12.55
CA GLY A 290 -14.20 4.93 11.15
C GLY A 290 -14.13 6.29 10.50
N ALA A 291 -15.04 6.54 9.55
CA ALA A 291 -15.09 7.78 8.75
C ALA A 291 -13.70 8.20 8.29
N ALA A 292 -12.90 7.23 7.86
CA ALA A 292 -11.48 7.45 7.60
C ALA A 292 -11.11 7.89 6.19
N LEU A 293 -12.05 7.82 5.25
CA LEU A 293 -11.74 8.05 3.82
C LEU A 293 -12.24 9.39 3.26
N VAL A 294 -12.05 9.62 1.97
CA VAL A 294 -12.29 10.92 1.38
C VAL A 294 -13.77 11.09 1.02
N TRP A 295 -14.45 9.98 0.77
CA TRP A 295 -15.92 9.99 0.53
C TRP A 295 -16.67 9.32 1.67
N ASP A 296 -17.80 9.92 2.05
CA ASP A 296 -18.63 9.30 3.10
C ASP A 296 -19.43 8.11 2.56
N ALA A 297 -20.25 7.50 3.42
CA ALA A 297 -21.00 6.30 3.05
C ALA A 297 -22.10 6.53 2.00
N SER A 298 -22.40 7.79 1.68
CA SER A 298 -23.33 8.11 0.58
C SER A 298 -22.56 8.64 -0.65
N TYR A 299 -21.23 8.52 -0.63
CA TYR A 299 -20.38 8.95 -1.74
C TYR A 299 -20.39 10.45 -1.90
N ALA A 300 -20.62 11.17 -0.81
CA ALA A 300 -20.41 12.60 -0.83
C ALA A 300 -18.96 12.91 -0.44
N LYS A 301 -18.37 13.88 -1.14
CA LYS A 301 -17.03 14.37 -0.84
C LYS A 301 -16.98 14.94 0.58
N LYS A 302 -15.95 14.60 1.32
CA LYS A 302 -15.78 15.18 2.65
C LYS A 302 -14.79 16.34 2.52
N PRO A 303 -14.60 17.13 3.59
CA PRO A 303 -13.65 18.26 3.50
C PRO A 303 -12.22 17.83 3.14
N ALA A 304 -11.90 16.56 3.41
CA ALA A 304 -10.61 15.99 3.00
C ALA A 304 -10.38 16.09 1.48
N TYR A 305 -11.46 16.05 0.69
CA TYR A 305 -11.32 16.15 -0.77
C TYR A 305 -10.65 17.45 -1.19
N ALA A 306 -11.16 18.60 -0.74
CA ALA A 306 -10.53 19.88 -1.04
C ALA A 306 -9.08 19.93 -0.59
N ALA A 307 -8.81 19.36 0.58
CA ALA A 307 -7.47 19.42 1.20
C ALA A 307 -6.46 18.64 0.34
N VAL A 308 -6.88 17.47 -0.15
CA VAL A 308 -6.03 16.70 -1.06
C VAL A 308 -5.78 17.48 -2.38
N MET A 309 -6.84 18.03 -2.94
CA MET A 309 -6.69 18.85 -4.15
C MET A 309 -5.65 19.98 -3.95
N GLU A 310 -5.81 20.71 -2.85
CA GLU A 310 -4.92 21.82 -2.50
C GLU A 310 -3.47 21.37 -2.30
N ALA A 311 -3.29 20.23 -1.65
CA ALA A 311 -1.94 19.74 -1.38
C ALA A 311 -1.17 19.36 -2.66
N PHE A 312 -1.84 18.68 -3.59
CA PHE A 312 -1.22 18.33 -4.89
C PHE A 312 -0.92 19.57 -5.74
N GLY A 313 -1.59 20.68 -5.43
N GLY A 313 -1.79 20.56 -5.63
CA GLY A 313 -1.16 21.99 -5.90
CA GLY A 313 -1.69 21.78 -6.42
C GLY A 313 -2.31 22.77 -6.46
C GLY A 313 -0.65 22.73 -5.85
N ALA A 314 -3.49 22.16 -6.39
N ALA A 314 -0.18 22.43 -4.65
CA ALA A 314 -4.71 22.71 -6.96
CA ALA A 314 0.78 23.30 -3.98
C ALA A 314 -5.60 23.36 -5.89
C ALA A 314 2.21 22.86 -4.27
O61 G2I B . -5.77 -3.96 7.66
C61 G2I B . -5.62 -2.86 6.80
C51 G2I B . -4.46 -3.07 5.80
C71 G2I B . -3.12 -3.17 6.52
N11 G2I B . -2.03 -3.10 5.55
C21 G2I B . -2.10 -4.20 4.60
C31 G2I B . -3.46 -4.35 3.90
O31 G2I B . -3.49 -5.56 3.15
C41 G2I B . -4.63 -4.29 4.88
O41 G2I B . -5.80 -4.35 4.09
C12 G2I B . -6.83 -5.16 4.64
C22 G2I B . -8.12 -4.98 3.84
O22 G2I B . -8.47 -3.60 3.83
C32 G2I B . -9.28 -5.82 4.39
O32 G2I B . -10.37 -5.77 3.49
O52 G2I B . -6.50 -6.53 4.61
C52 G2I B . -7.47 -7.35 5.26
C62 G2I B . -6.94 -8.79 5.29
O62 G2I B . -6.59 -9.22 4.00
C42 G2I B . -8.86 -7.28 4.61
O42 G2I B . -9.87 -8.02 5.31
C13 G2I B . -10.76 -8.70 4.39
C23 G2I B . -11.04 -10.19 4.71
O23 G2I B . -10.86 -10.97 3.53
C33 G2I B . -12.40 -10.48 5.25
O33 G2I B . -12.36 -11.63 6.11
C43 G2I B . -13.46 -9.38 5.37
O43 G2I B . -14.56 -9.88 4.70
O53 G2I B . -11.83 -7.92 4.11
C53 G2I B . -13.05 -8.03 4.79
C63 G2I B . -13.72 -6.75 5.32
O63 G2I B . -13.08 -5.58 4.91
#